data_4HDT
#
_entry.id   4HDT
#
_cell.length_a   48.200
_cell.length_b   62.400
_cell.length_c   56.880
_cell.angle_alpha   90.000
_cell.angle_beta   109.590
_cell.angle_gamma   90.000
#
_symmetry.space_group_name_H-M   'P 1 21 1'
#
loop_
_entity.id
_entity.type
_entity.pdbx_description
1 polymer '3-hydroxyisobutyryl-CoA hydrolase'
2 non-polymer 'ZINC ION'
3 non-polymer 'CHLORIDE ION'
4 non-polymer 'ACETATE ION'
5 water water
#
_entity_poly.entity_id   1
_entity_poly.type   'polypeptide(L)'
_entity_poly.pdbx_seq_one_letter_code
;GSMVTAKNEDVLVNVEGGVGLLTLNRPKAINSLTHGMVTTMAERLAAWENDDSVRAVLLTGAGERGLCAGGDVVAIYHSA
KADGAEARRFWFDEYRLNAHIGRYPKPYVSIMDGIVMGGGVGVGAHGNVRVVTDTTKMAMPEVGIGFIPDVGGTYLLSRA
PGKLGLHAALTGAPFSGADAIVMGFADHYVPHDKIDEFTRAVIADGVDAALAAHAQEPPASPLAEQRSWIDECYTGDTVA
DIIAALRAHDAPAAGEAADLIATRSPIALSVTLESVRRAAKLQSLEDTLRQEYRVSCASLKSHDLVEGIRAQLVDKDRNP
KWRPATLAEVTEADVEAYFAPVDPELTFEGETQ
;
_entity_poly.pdbx_strand_id   A
#
# COMPACT_ATOMS: atom_id res chain seq x y z
N ASN A 8 -19.85 0.46 -17.65
CA ASN A 8 -18.50 1.06 -17.46
C ASN A 8 -17.43 -0.03 -17.46
N GLU A 9 -16.32 0.25 -18.11
CA GLU A 9 -15.17 -0.63 -18.03
C GLU A 9 -14.33 -0.12 -16.86
N ASP A 10 -14.28 -0.89 -15.79
CA ASP A 10 -13.60 -0.40 -14.57
C ASP A 10 -12.08 -0.34 -14.69
N VAL A 11 -11.54 -1.01 -15.71
CA VAL A 11 -10.13 -0.75 -16.13
C VAL A 11 -10.17 -0.52 -17.64
N LEU A 12 -9.70 0.65 -18.08
CA LEU A 12 -9.56 0.90 -19.50
C LEU A 12 -8.21 0.36 -20.01
N VAL A 13 -8.29 -0.38 -21.12
CA VAL A 13 -7.11 -1.05 -21.67
C VAL A 13 -6.87 -0.65 -23.12
N ASN A 14 -5.62 -0.33 -23.45
CA ASN A 14 -5.25 -0.08 -24.82
C ASN A 14 -3.74 -0.31 -24.95
N VAL A 15 -3.28 -0.41 -26.18
CA VAL A 15 -1.88 -0.42 -26.49
C VAL A 15 -1.64 0.70 -27.49
N GLU A 16 -0.67 1.56 -27.15
CA GLU A 16 -0.32 2.68 -27.98
C GLU A 16 1.18 2.97 -27.90
N GLY A 17 1.82 3.13 -29.05
CA GLY A 17 3.26 3.36 -29.11
C GLY A 17 4.08 2.29 -28.48
N GLY A 18 3.59 1.05 -28.52
CA GLY A 18 4.28 -0.04 -27.90
C GLY A 18 4.10 -0.11 -26.39
N VAL A 19 3.26 0.75 -25.83
CA VAL A 19 3.00 0.77 -24.39
C VAL A 19 1.62 0.20 -24.08
N GLY A 20 1.58 -0.81 -23.26
CA GLY A 20 0.35 -1.35 -22.70
C GLY A 20 -0.17 -0.41 -21.61
N LEU A 21 -1.37 0.12 -21.85
CA LEU A 21 -1.96 1.13 -20.96
C LEU A 21 -3.05 0.48 -20.12
N LEU A 22 -2.91 0.63 -18.82
CA LEU A 22 -3.91 0.20 -17.87
C LEU A 22 -4.38 1.45 -17.14
N THR A 23 -5.64 1.83 -17.31
CA THR A 23 -6.15 3.01 -16.64
C THR A 23 -7.28 2.58 -15.69
N LEU A 24 -7.03 2.71 -14.41
CA LEU A 24 -8.04 2.37 -13.41
C LEU A 24 -9.20 3.37 -13.60
N ASN A 25 -10.44 2.90 -13.59
CA ASN A 25 -11.55 3.75 -14.08
C ASN A 25 -12.81 3.60 -13.25
N ARG A 26 -12.70 3.92 -11.97
CA ARG A 26 -13.86 4.16 -11.11
C ARG A 26 -13.63 5.52 -10.42
N PRO A 27 -13.60 6.59 -11.21
CA PRO A 27 -13.16 7.85 -10.58
C PRO A 27 -14.06 8.39 -9.45
N LYS A 28 -15.36 8.08 -9.49
CA LYS A 28 -16.24 8.52 -8.41
C LYS A 28 -15.86 7.85 -7.06
N ALA A 29 -15.16 6.71 -7.10
CA ALA A 29 -14.65 5.97 -5.92
C ALA A 29 -13.11 6.14 -5.76
N ILE A 30 -12.56 7.15 -6.43
CA ILE A 30 -11.11 7.35 -6.50
C ILE A 30 -10.44 6.04 -6.87
N ASN A 31 -11.05 5.40 -7.86
CA ASN A 31 -10.48 4.21 -8.49
C ASN A 31 -10.22 3.05 -7.52
N SER A 32 -11.03 2.92 -6.45
CA SER A 32 -10.84 1.78 -5.56
C SER A 32 -10.94 0.43 -6.32
N LEU A 33 -10.16 -0.57 -5.90
CA LEU A 33 -10.01 -1.81 -6.67
C LEU A 33 -11.07 -2.81 -6.33
N THR A 34 -11.67 -3.37 -7.37
CA THR A 34 -12.56 -4.50 -7.25
C THR A 34 -11.80 -5.77 -7.66
N HIS A 35 -12.42 -6.91 -7.42
CA HIS A 35 -11.78 -8.16 -7.80
C HIS A 35 -11.66 -8.19 -9.32
N GLY A 36 -12.69 -7.71 -10.02
CA GLY A 36 -12.65 -7.61 -11.46
C GLY A 36 -11.51 -6.80 -12.04
N MET A 37 -11.21 -5.68 -11.39
CA MET A 37 -10.11 -4.84 -11.85
C MET A 37 -8.77 -5.54 -11.69
N VAL A 38 -8.58 -6.16 -10.53
CA VAL A 38 -7.39 -6.99 -10.27
C VAL A 38 -7.21 -8.08 -11.33
N THR A 39 -8.28 -8.82 -11.66
CA THR A 39 -8.13 -9.90 -12.64
C THR A 39 -7.87 -9.37 -14.07
N THR A 40 -8.46 -8.22 -14.44
CA THR A 40 -8.16 -7.59 -15.71
C THR A 40 -6.66 -7.22 -15.81
N MET A 41 -6.15 -6.57 -14.78
CA MET A 41 -4.75 -6.18 -14.79
C MET A 41 -3.88 -7.41 -14.94
N ALA A 42 -4.17 -8.42 -14.15
CA ALA A 42 -3.35 -9.63 -14.12
C ALA A 42 -3.34 -10.30 -15.48
N GLU A 43 -4.52 -10.42 -16.10
CA GLU A 43 -4.60 -11.10 -17.35
C GLU A 43 -3.85 -10.34 -18.45
N ARG A 44 -3.97 -9.02 -18.48
CA ARG A 44 -3.24 -8.20 -19.44
C ARG A 44 -1.73 -8.24 -19.24
N LEU A 45 -1.28 -8.18 -17.98
CA LEU A 45 0.16 -8.36 -17.76
C LEU A 45 0.63 -9.72 -18.28
N ALA A 46 -0.15 -10.76 -18.04
CA ALA A 46 0.23 -12.07 -18.57
C ALA A 46 0.26 -12.11 -20.09
N ALA A 47 -0.77 -11.56 -20.71
CA ALA A 47 -0.87 -11.56 -22.17
C ALA A 47 0.23 -10.74 -22.85
N TRP A 48 0.62 -9.64 -22.23
CA TRP A 48 1.60 -8.74 -22.82
C TRP A 48 3.04 -9.18 -22.58
N GLU A 49 3.23 -10.06 -21.60
CA GLU A 49 4.60 -10.36 -21.13
C GLU A 49 5.53 -10.86 -22.25
N ASN A 50 5.01 -11.75 -23.09
CA ASN A 50 5.79 -12.32 -24.21
C ASN A 50 5.36 -11.82 -25.60
N ASP A 51 4.65 -10.70 -25.62
CA ASP A 51 4.23 -10.06 -26.83
C ASP A 51 5.21 -8.96 -27.22
N ASP A 52 5.96 -9.19 -28.30
CA ASP A 52 6.97 -8.26 -28.75
C ASP A 52 6.49 -6.90 -29.17
N SER A 53 5.18 -6.75 -29.42
CA SER A 53 4.64 -5.46 -29.81
C SER A 53 4.47 -4.54 -28.59
N VAL A 54 4.63 -5.09 -27.38
CA VAL A 54 4.46 -4.32 -26.12
C VAL A 54 5.81 -4.28 -25.41
N ARG A 55 6.34 -3.07 -25.30
CA ARG A 55 7.69 -2.81 -24.82
C ARG A 55 7.69 -2.38 -23.35
N ALA A 56 6.52 -1.92 -22.88
CA ALA A 56 6.41 -1.39 -21.52
C ALA A 56 4.94 -1.33 -21.15
N VAL A 57 4.69 -1.17 -19.87
CA VAL A 57 3.31 -1.03 -19.33
C VAL A 57 3.23 0.29 -18.59
N LEU A 58 2.09 0.99 -18.65
CA LEU A 58 1.90 2.25 -17.93
C LEU A 58 0.57 2.20 -17.21
N LEU A 59 0.62 2.37 -15.90
CA LEU A 59 -0.56 2.34 -15.04
C LEU A 59 -0.88 3.77 -14.64
N THR A 60 -2.11 4.18 -14.92
CA THR A 60 -2.62 5.47 -14.46
C THR A 60 -4.05 5.28 -13.92
N GLY A 61 -4.59 6.33 -13.32
CA GLY A 61 -5.97 6.37 -12.85
C GLY A 61 -6.76 7.49 -13.47
N ALA A 62 -8.08 7.26 -13.68
CA ALA A 62 -8.91 8.26 -14.30
C ALA A 62 -9.20 9.35 -13.28
N GLY A 63 -9.60 10.52 -13.77
CA GLY A 63 -9.94 11.64 -12.89
C GLY A 63 -8.69 12.38 -12.43
N GLU A 64 -8.87 13.14 -11.36
CA GLU A 64 -7.93 14.16 -10.97
C GLU A 64 -7.44 13.99 -9.53
N ARG A 65 -8.11 13.16 -8.72
CA ARG A 65 -7.87 13.12 -7.26
CA ARG A 65 -7.86 13.14 -7.27
C ARG A 65 -6.86 12.08 -6.81
N GLY A 66 -6.56 11.13 -7.67
CA GLY A 66 -5.58 10.11 -7.31
C GLY A 66 -5.58 8.86 -8.16
N LEU A 67 -4.43 8.19 -8.19
CA LEU A 67 -4.37 6.89 -8.84
C LEU A 67 -5.39 5.91 -8.27
N CYS A 68 -5.43 5.77 -6.94
CA CYS A 68 -6.21 4.68 -6.30
C CYS A 68 -6.19 4.83 -4.78
N ALA A 69 -7.39 4.99 -4.20
CA ALA A 69 -7.57 5.15 -2.75
C ALA A 69 -7.49 3.85 -1.95
N GLY A 70 -7.50 2.69 -2.61
CA GLY A 70 -7.46 1.44 -1.90
C GLY A 70 -8.21 0.33 -2.60
N GLY A 71 -8.25 -0.82 -1.95
CA GLY A 71 -9.23 -1.85 -2.34
C GLY A 71 -10.63 -1.36 -1.97
N ASP A 72 -11.67 -1.90 -2.63
CA ASP A 72 -13.04 -1.61 -2.27
C ASP A 72 -13.36 -2.22 -0.89
N VAL A 73 -13.45 -1.36 0.12
CA VAL A 73 -13.65 -1.82 1.52
C VAL A 73 -15.03 -2.36 1.83
N VAL A 74 -16.06 -1.89 1.10
CA VAL A 74 -17.43 -2.37 1.26
C VAL A 74 -17.49 -3.88 0.99
N ALA A 75 -16.80 -4.32 -0.06
CA ALA A 75 -16.84 -5.73 -0.42
C ALA A 75 -16.14 -6.62 0.63
N ILE A 76 -15.05 -6.13 1.22
CA ILE A 76 -14.33 -6.88 2.24
C ILE A 76 -15.24 -6.98 3.47
N TYR A 77 -15.93 -5.88 3.76
CA TYR A 77 -16.84 -5.83 4.90
C TYR A 77 -17.95 -6.85 4.73
N HIS A 78 -18.61 -6.84 3.59
CA HIS A 78 -19.67 -7.84 3.37
C HIS A 78 -19.16 -9.27 3.45
N SER A 79 -17.94 -9.52 2.95
CA SER A 79 -17.39 -10.86 3.02
C SER A 79 -17.03 -11.30 4.45
N ALA A 80 -16.44 -10.40 5.21
CA ALA A 80 -16.07 -10.68 6.60
C ALA A 80 -17.28 -10.99 7.45
N LYS A 81 -18.41 -10.37 7.15
CA LYS A 81 -19.67 -10.67 7.87
C LYS A 81 -20.25 -12.03 7.45
N ALA A 82 -19.91 -12.48 6.24
CA ALA A 82 -20.31 -13.78 5.70
C ALA A 82 -19.21 -14.80 6.03
N ASP A 83 -18.79 -15.63 5.08
CA ASP A 83 -17.81 -16.65 5.40
C ASP A 83 -16.37 -16.32 4.90
N GLY A 84 -16.14 -15.08 4.46
CA GLY A 84 -14.79 -14.63 4.05
C GLY A 84 -14.33 -15.10 2.66
N ALA A 85 -15.15 -15.84 1.94
CA ALA A 85 -14.69 -16.46 0.67
C ALA A 85 -14.22 -15.46 -0.40
N GLU A 86 -14.98 -14.41 -0.64
CA GLU A 86 -14.59 -13.39 -1.62
C GLU A 86 -13.38 -12.61 -1.20
N ALA A 87 -13.30 -12.26 0.08
CA ALA A 87 -12.11 -11.58 0.56
C ALA A 87 -10.86 -12.43 0.32
N ARG A 88 -10.90 -13.70 0.71
CA ARG A 88 -9.73 -14.54 0.49
C ARG A 88 -9.38 -14.71 -0.99
N ARG A 89 -10.39 -14.89 -1.83
CA ARG A 89 -10.09 -15.05 -3.23
C ARG A 89 -9.53 -13.76 -3.81
N PHE A 90 -10.11 -12.64 -3.41
CA PHE A 90 -9.63 -11.32 -3.85
C PHE A 90 -8.15 -11.17 -3.48
N TRP A 91 -7.84 -11.41 -2.22
CA TRP A 91 -6.45 -11.24 -1.75
C TRP A 91 -5.53 -12.24 -2.45
N PHE A 92 -5.98 -13.46 -2.66
CA PHE A 92 -5.17 -14.45 -3.38
C PHE A 92 -4.76 -13.90 -4.76
N ASP A 93 -5.71 -13.43 -5.55
CA ASP A 93 -5.46 -12.89 -6.87
C ASP A 93 -4.70 -11.55 -6.81
N GLU A 94 -5.03 -10.72 -5.83
CA GLU A 94 -4.39 -9.42 -5.71
C GLU A 94 -2.91 -9.56 -5.35
N TYR A 95 -2.61 -10.42 -4.41
CA TYR A 95 -1.22 -10.58 -3.97
C TYR A 95 -0.40 -11.26 -5.06
N ARG A 96 -0.98 -12.18 -5.80
CA ARG A 96 -0.30 -12.70 -6.97
C ARG A 96 0.01 -11.62 -8.03
N LEU A 97 -0.92 -10.70 -8.24
CA LEU A 97 -0.71 -9.58 -9.12
C LEU A 97 0.42 -8.69 -8.58
N ASN A 98 0.37 -8.38 -7.28
CA ASN A 98 1.44 -7.53 -6.66
C ASN A 98 2.83 -8.13 -6.92
N ALA A 99 2.96 -9.42 -6.69
CA ALA A 99 4.21 -10.16 -6.94
C ALA A 99 4.62 -10.13 -8.38
N HIS A 100 3.65 -10.33 -9.27
CA HIS A 100 3.97 -10.28 -10.68
C HIS A 100 4.47 -8.93 -11.16
N ILE A 101 3.86 -7.85 -10.70
CA ILE A 101 4.39 -6.50 -10.99
C ILE A 101 5.81 -6.37 -10.48
N GLY A 102 6.04 -6.86 -9.27
CA GLY A 102 7.38 -6.85 -8.68
C GLY A 102 8.46 -7.57 -9.49
N ARG A 103 8.14 -8.72 -10.09
CA ARG A 103 9.03 -9.49 -10.96
C ARG A 103 9.07 -9.05 -12.41
N TYR A 104 8.11 -8.23 -12.82
CA TYR A 104 7.81 -8.10 -14.25
C TYR A 104 9.06 -7.76 -15.09
N PRO A 105 9.28 -8.49 -16.18
CA PRO A 105 10.51 -8.30 -16.94
C PRO A 105 10.57 -7.00 -17.74
N LYS A 106 9.42 -6.44 -18.14
CA LYS A 106 9.37 -5.23 -18.96
C LYS A 106 9.18 -3.98 -18.06
N PRO A 107 9.60 -2.80 -18.54
CA PRO A 107 9.34 -1.56 -17.77
C PRO A 107 7.85 -1.47 -17.40
N TYR A 108 7.59 -1.12 -16.16
CA TYR A 108 6.24 -0.95 -15.61
C TYR A 108 6.30 0.41 -14.92
N VAL A 109 5.61 1.36 -15.55
CA VAL A 109 5.61 2.74 -15.12
C VAL A 109 4.32 3.00 -14.36
N SER A 110 4.41 3.48 -13.13
CA SER A 110 3.18 3.75 -12.37
C SER A 110 3.11 5.22 -12.07
N ILE A 111 1.93 5.80 -12.30
CA ILE A 111 1.70 7.21 -12.04
C ILE A 111 0.93 7.39 -10.73
N MET A 112 1.71 7.45 -9.65
CA MET A 112 1.16 7.49 -8.30
C MET A 112 0.95 8.96 -7.92
N ASP A 113 0.02 9.56 -8.63
CA ASP A 113 -0.41 10.95 -8.49
C ASP A 113 -1.54 11.02 -7.49
N GLY A 114 -1.62 12.12 -6.76
CA GLY A 114 -2.74 12.32 -5.84
C GLY A 114 -2.86 11.26 -4.75
N ILE A 115 -4.09 10.91 -4.42
CA ILE A 115 -4.34 9.92 -3.37
C ILE A 115 -3.90 8.52 -3.85
N VAL A 116 -3.02 7.88 -3.10
CA VAL A 116 -2.52 6.54 -3.42
C VAL A 116 -2.40 5.79 -2.08
N MET A 117 -3.33 4.93 -1.77
CA MET A 117 -3.38 4.32 -0.42
CA MET A 117 -3.37 4.31 -0.44
C MET A 117 -3.74 2.83 -0.51
N GLY A 118 -3.15 2.03 0.39
CA GLY A 118 -3.47 0.61 0.56
C GLY A 118 -3.31 -0.12 -0.75
N GLY A 119 -4.38 -0.70 -1.26
CA GLY A 119 -4.26 -1.38 -2.56
C GLY A 119 -3.71 -0.59 -3.71
N GLY A 120 -3.82 0.76 -3.67
CA GLY A 120 -3.19 1.61 -4.68
C GLY A 120 -1.65 1.58 -4.60
N VAL A 121 -1.13 1.54 -3.38
CA VAL A 121 0.29 1.23 -3.18
C VAL A 121 0.63 -0.13 -3.76
N GLY A 122 -0.22 -1.11 -3.55
CA GLY A 122 0.06 -2.44 -4.11
C GLY A 122 0.19 -2.51 -5.63
N VAL A 123 -0.62 -1.75 -6.37
CA VAL A 123 -0.50 -1.77 -7.83
C VAL A 123 0.55 -0.79 -8.37
N GLY A 124 0.91 0.23 -7.58
CA GLY A 124 1.90 1.20 -8.04
C GLY A 124 3.33 1.02 -7.58
N ALA A 125 3.49 0.63 -6.31
CA ALA A 125 4.80 0.81 -5.66
C ALA A 125 5.73 -0.37 -5.79
N HIS A 126 5.27 -1.45 -6.41
CA HIS A 126 6.14 -2.53 -6.82
C HIS A 126 6.62 -2.45 -8.27
N GLY A 127 6.22 -1.39 -8.99
CA GLY A 127 6.72 -1.14 -10.33
C GLY A 127 8.18 -0.78 -10.38
N ASN A 128 8.73 -0.64 -11.58
CA ASN A 128 10.13 -0.36 -11.72
C ASN A 128 10.44 1.02 -12.22
N VAL A 129 9.39 1.73 -12.64
CA VAL A 129 9.48 3.16 -12.92
C VAL A 129 8.33 3.87 -12.21
N ARG A 130 8.57 4.22 -10.95
CA ARG A 130 7.51 4.67 -10.04
C ARG A 130 7.56 6.18 -9.91
N VAL A 131 6.50 6.80 -10.38
CA VAL A 131 6.45 8.29 -10.49
C VAL A 131 5.45 8.84 -9.46
N VAL A 132 5.92 9.81 -8.69
CA VAL A 132 5.04 10.58 -7.79
C VAL A 132 5.08 12.03 -8.17
N THR A 133 4.15 12.82 -7.63
CA THR A 133 3.99 14.20 -8.04
C THR A 133 3.87 15.11 -6.82
N ASP A 134 3.64 16.39 -7.06
CA ASP A 134 3.46 17.33 -5.99
C ASP A 134 2.11 17.24 -5.27
N THR A 135 1.20 16.40 -5.79
CA THR A 135 -0.11 16.20 -5.12
C THR A 135 -0.18 14.84 -4.46
N THR A 136 0.85 13.99 -4.65
CA THR A 136 0.83 12.67 -4.03
C THR A 136 0.55 12.71 -2.52
N LYS A 137 -0.44 11.94 -2.09
CA LYS A 137 -0.78 11.70 -0.68
C LYS A 137 -0.85 10.19 -0.54
N MET A 138 0.26 9.61 -0.06
CA MET A 138 0.43 8.16 -0.02
C MET A 138 0.32 7.67 1.40
N ALA A 139 -0.30 6.53 1.60
CA ALA A 139 -0.44 6.00 2.94
C ALA A 139 -0.73 4.52 2.94
N MET A 140 -0.39 3.89 4.07
N MET A 140 -0.40 3.90 4.08
CA MET A 140 -0.85 2.55 4.43
CA MET A 140 -0.87 2.56 4.42
C MET A 140 -1.67 2.68 5.71
C MET A 140 -1.67 2.69 5.71
N PRO A 141 -2.96 3.00 5.57
CA PRO A 141 -3.81 3.40 6.71
C PRO A 141 -4.62 2.29 7.38
N GLU A 142 -4.19 1.05 7.12
CA GLU A 142 -4.92 -0.15 7.49
C GLU A 142 -5.28 -0.23 8.97
N VAL A 143 -4.36 0.18 9.86
CA VAL A 143 -4.66 0.06 11.29
C VAL A 143 -5.86 0.89 11.77
N GLY A 144 -6.23 1.90 10.99
CA GLY A 144 -7.39 2.68 11.24
C GLY A 144 -8.72 1.97 11.00
N ILE A 145 -8.66 0.85 10.29
CA ILE A 145 -9.87 0.02 10.11
C ILE A 145 -9.68 -1.37 10.72
N GLY A 146 -8.74 -1.52 11.64
CA GLY A 146 -8.54 -2.82 12.27
C GLY A 146 -7.87 -3.85 11.39
N PHE A 147 -7.14 -3.39 10.40
CA PHE A 147 -6.47 -4.25 9.41
C PHE A 147 -4.98 -3.98 9.49
N ILE A 148 -4.20 -4.74 8.72
CA ILE A 148 -2.73 -4.66 8.74
C ILE A 148 -2.28 -4.39 7.31
N PRO A 149 -1.28 -3.51 7.10
CA PRO A 149 -0.79 -3.25 5.75
C PRO A 149 -0.49 -4.53 4.99
N ASP A 150 -1.05 -4.63 3.82
CA ASP A 150 -0.87 -5.80 2.95
C ASP A 150 -0.36 -5.38 1.60
N VAL A 151 -0.70 -6.12 0.57
CA VAL A 151 -0.30 -5.88 -0.81
C VAL A 151 1.22 -5.65 -1.00
N GLY A 152 2.00 -6.34 -0.17
CA GLY A 152 3.43 -6.20 -0.20
C GLY A 152 3.90 -4.95 0.47
N GLY A 153 3.02 -4.26 1.19
CA GLY A 153 3.39 -3.08 1.92
C GLY A 153 4.39 -3.36 3.04
N THR A 154 4.33 -4.54 3.65
CA THR A 154 5.27 -4.83 4.75
C THR A 154 6.67 -5.04 4.19
N TYR A 155 6.79 -5.58 2.95
CA TYR A 155 8.07 -5.64 2.25
C TYR A 155 8.62 -4.20 2.04
N LEU A 156 7.79 -3.28 1.55
CA LEU A 156 8.25 -1.92 1.35
C LEU A 156 8.52 -1.18 2.66
N LEU A 157 7.65 -1.33 3.63
CA LEU A 157 7.80 -0.62 4.90
C LEU A 157 9.07 -1.05 5.61
N SER A 158 9.34 -2.36 5.59
CA SER A 158 10.53 -2.89 6.31
C SER A 158 11.84 -2.44 5.66
N ARG A 159 11.79 -1.97 4.41
CA ARG A 159 12.98 -1.53 3.64
C ARG A 159 13.21 -0.01 3.67
N ALA A 160 12.30 0.72 4.30
CA ALA A 160 12.42 2.19 4.39
C ALA A 160 13.59 2.52 5.33
N PRO A 161 14.18 3.72 5.18
CA PRO A 161 15.28 4.08 6.06
C PRO A 161 14.89 4.12 7.52
N GLY A 162 15.81 3.71 8.40
CA GLY A 162 15.57 3.91 9.82
C GLY A 162 14.32 3.20 10.28
N LYS A 163 13.51 3.90 11.08
CA LYS A 163 12.21 3.41 11.51
C LYS A 163 11.08 4.16 10.80
N LEU A 164 11.38 4.85 9.69
CA LEU A 164 10.34 5.56 8.96
C LEU A 164 9.17 4.67 8.57
N GLY A 165 9.47 3.42 8.22
CA GLY A 165 8.42 2.46 7.87
C GLY A 165 7.48 2.15 9.02
N LEU A 166 8.00 1.99 10.23
CA LEU A 166 7.12 1.75 11.39
C LEU A 166 6.26 2.95 11.67
N HIS A 167 6.84 4.13 11.57
CA HIS A 167 6.05 5.34 11.72
C HIS A 167 4.86 5.37 10.75
N ALA A 168 5.15 5.19 9.47
CA ALA A 168 4.07 5.18 8.49
C ALA A 168 3.03 4.10 8.81
N ALA A 169 3.50 2.93 9.24
CA ALA A 169 2.59 1.77 9.44
C ALA A 169 1.72 1.92 10.70
N LEU A 170 2.27 2.49 11.77
CA LEU A 170 1.55 2.58 13.04
C LEU A 170 0.66 3.80 13.09
N THR A 171 1.14 4.93 12.55
CA THR A 171 0.28 6.11 12.46
C THR A 171 -0.79 5.90 11.40
N GLY A 172 -0.43 5.23 10.31
CA GLY A 172 -1.28 5.17 9.12
C GLY A 172 -1.48 6.50 8.42
N ALA A 173 -0.62 7.47 8.73
CA ALA A 173 -0.74 8.83 8.20
C ALA A 173 -0.20 8.94 6.78
N PRO A 174 -0.79 9.85 5.98
CA PRO A 174 -0.24 10.11 4.66
C PRO A 174 1.12 10.79 4.65
N PHE A 175 1.87 10.51 3.59
CA PHE A 175 3.17 11.14 3.32
C PHE A 175 3.25 11.59 1.86
N SER A 176 4.18 12.49 1.55
CA SER A 176 4.24 13.18 0.26
C SER A 176 4.96 12.36 -0.80
N GLY A 177 4.98 12.86 -2.02
CA GLY A 177 5.81 12.28 -3.07
C GLY A 177 7.28 12.24 -2.70
N ALA A 178 7.79 13.32 -2.15
CA ALA A 178 9.22 13.38 -1.81
C ALA A 178 9.50 12.35 -0.70
N ASP A 179 8.58 12.24 0.25
CA ASP A 179 8.69 11.27 1.33
C ASP A 179 8.69 9.87 0.73
N ALA A 180 7.80 9.63 -0.23
CA ALA A 180 7.72 8.29 -0.85
C ALA A 180 9.02 7.90 -1.50
N ILE A 181 9.70 8.84 -2.15
CA ILE A 181 11.00 8.53 -2.76
C ILE A 181 12.01 8.22 -1.65
N VAL A 182 12.03 9.01 -0.57
CA VAL A 182 12.93 8.73 0.55
C VAL A 182 12.68 7.31 1.15
N MET A 183 11.41 6.92 1.19
CA MET A 183 11.10 5.64 1.82
CA MET A 183 10.93 5.67 1.76
C MET A 183 11.24 4.44 0.89
N GLY A 184 11.56 4.67 -0.38
CA GLY A 184 11.73 3.56 -1.30
C GLY A 184 10.45 3.05 -1.91
N PHE A 185 9.41 3.90 -1.83
CA PHE A 185 8.09 3.57 -2.44
C PHE A 185 7.95 4.11 -3.86
N ALA A 186 8.88 4.98 -4.25
CA ALA A 186 8.87 5.57 -5.60
C ALA A 186 10.28 5.99 -5.97
N ASP A 187 10.43 6.34 -7.24
CA ASP A 187 11.73 6.58 -7.89
C ASP A 187 11.90 8.04 -8.40
N HIS A 188 10.84 8.61 -8.99
CA HIS A 188 10.94 9.84 -9.79
C HIS A 188 9.78 10.79 -9.42
N TYR A 189 10.08 12.06 -9.53
CA TYR A 189 9.13 13.15 -9.20
C TYR A 189 8.83 14.01 -10.42
N VAL A 190 7.53 14.16 -10.75
CA VAL A 190 7.08 14.92 -11.90
C VAL A 190 5.88 15.73 -11.38
N PRO A 191 5.92 17.10 -11.51
CA PRO A 191 4.74 17.89 -11.09
C PRO A 191 3.43 17.47 -11.79
N HIS A 192 2.30 17.57 -11.07
CA HIS A 192 0.99 17.07 -11.54
C HIS A 192 0.52 17.54 -12.95
N ASP A 193 0.84 18.76 -13.24
CA ASP A 193 0.45 19.46 -14.47
C ASP A 193 1.63 19.34 -15.48
N LYS A 194 2.36 18.23 -15.34
CA LYS A 194 3.24 17.72 -16.38
C LYS A 194 3.05 16.21 -16.57
N ILE A 195 2.16 15.57 -15.80
CA ILE A 195 1.94 14.12 -15.92
C ILE A 195 1.39 13.77 -17.24
N ASP A 196 0.56 14.66 -17.75
CA ASP A 196 -0.06 14.49 -18.99
C ASP A 196 1.00 14.58 -20.08
N GLU A 197 1.90 15.57 -20.02
CA GLU A 197 2.98 15.69 -21.01
C GLU A 197 3.90 14.49 -20.85
N PHE A 198 4.14 14.09 -19.61
CA PHE A 198 5.02 12.97 -19.29
C PHE A 198 4.46 11.68 -19.84
N THR A 199 3.18 11.43 -19.55
CA THR A 199 2.55 10.25 -20.07
C THR A 199 2.58 10.22 -21.61
N ARG A 200 2.24 11.35 -22.25
CA ARG A 200 2.29 11.42 -23.71
C ARG A 200 3.71 11.11 -24.22
N ALA A 201 4.72 11.56 -23.50
CA ALA A 201 6.13 11.35 -23.91
C ALA A 201 6.58 9.89 -23.77
N VAL A 202 6.07 9.18 -22.75
CA VAL A 202 6.35 7.74 -22.59
C VAL A 202 5.85 7.00 -23.82
N ILE A 203 4.66 7.37 -24.26
CA ILE A 203 4.04 6.73 -25.39
C ILE A 203 4.75 7.08 -26.71
N ALA A 204 5.23 8.31 -26.82
CA ALA A 204 5.77 8.81 -28.08
C ALA A 204 7.28 8.61 -28.19
N ASP A 205 8.00 8.88 -27.10
CA ASP A 205 9.48 8.93 -27.10
C ASP A 205 10.15 7.87 -26.21
N GLY A 206 9.36 7.21 -25.33
CA GLY A 206 9.90 6.20 -24.42
C GLY A 206 10.17 6.73 -23.01
N VAL A 207 10.35 5.80 -22.09
CA VAL A 207 10.54 6.12 -20.66
C VAL A 207 11.70 7.05 -20.37
N ASP A 208 12.88 6.69 -20.87
CA ASP A 208 14.07 7.43 -20.54
C ASP A 208 13.98 8.86 -21.08
N ALA A 209 13.48 9.04 -22.31
CA ALA A 209 13.28 10.37 -22.88
C ALA A 209 12.23 11.17 -22.09
N ALA A 210 11.15 10.51 -21.71
CA ALA A 210 10.11 11.19 -20.94
C ALA A 210 10.62 11.67 -19.60
N LEU A 211 11.40 10.84 -18.94
CA LEU A 211 12.00 11.19 -17.66
C LEU A 211 12.98 12.34 -17.80
N ALA A 212 13.87 12.23 -18.78
CA ALA A 212 14.87 13.27 -18.97
C ALA A 212 14.20 14.63 -19.19
N ALA A 213 13.06 14.62 -19.87
CA ALA A 213 12.34 15.83 -20.25
C ALA A 213 11.41 16.42 -19.18
N HIS A 214 10.91 15.58 -18.25
CA HIS A 214 9.84 16.01 -17.31
C HIS A 214 10.08 15.76 -15.82
N ALA A 215 10.96 14.83 -15.48
CA ALA A 215 11.30 14.58 -14.05
C ALA A 215 12.10 15.75 -13.48
N GLN A 216 11.96 15.99 -12.19
CA GLN A 216 12.65 17.07 -11.48
C GLN A 216 13.19 16.57 -10.15
N GLU A 217 14.12 17.32 -9.58
CA GLU A 217 14.53 17.08 -8.20
C GLU A 217 13.33 17.25 -7.27
N PRO A 218 13.08 16.26 -6.39
CA PRO A 218 11.95 16.43 -5.49
C PRO A 218 12.21 17.53 -4.49
N PRO A 219 11.14 18.10 -3.95
CA PRO A 219 11.38 19.04 -2.86
C PRO A 219 11.78 18.32 -1.58
N ALA A 220 12.15 19.11 -0.60
CA ALA A 220 12.44 18.62 0.74
C ALA A 220 11.36 17.64 1.25
N SER A 221 11.82 16.53 1.81
CA SER A 221 10.98 15.51 2.46
C SER A 221 10.78 15.87 3.95
N PRO A 222 9.55 16.22 4.34
CA PRO A 222 9.37 16.44 5.78
C PRO A 222 9.58 15.18 6.59
N LEU A 223 9.26 14.01 6.03
CA LEU A 223 9.52 12.82 6.79
C LEU A 223 11.00 12.61 7.08
N ALA A 224 11.86 12.84 6.08
CA ALA A 224 13.30 12.76 6.27
C ALA A 224 13.78 13.68 7.39
N GLU A 225 13.23 14.86 7.46
CA GLU A 225 13.59 15.78 8.55
C GLU A 225 13.15 15.30 9.93
N GLN A 226 12.13 14.44 10.01
CA GLN A 226 11.65 13.89 11.29
C GLN A 226 12.40 12.64 11.71
N ARG A 227 13.37 12.18 10.91
CA ARG A 227 13.98 10.87 11.20
C ARG A 227 14.62 10.74 12.59
N SER A 228 15.16 11.83 13.11
CA SER A 228 15.85 11.79 14.38
C SER A 228 14.94 11.26 15.47
N TRP A 229 13.75 11.85 15.62
CA TRP A 229 12.83 11.47 16.71
C TRP A 229 12.05 10.19 16.38
N ILE A 230 11.82 9.94 15.10
CA ILE A 230 11.26 8.66 14.67
C ILE A 230 12.18 7.52 15.08
N ASP A 231 13.46 7.61 14.72
CA ASP A 231 14.41 6.55 15.06
C ASP A 231 14.60 6.44 16.59
N GLU A 232 14.52 7.57 17.30
CA GLU A 232 14.60 7.59 18.76
C GLU A 232 13.46 6.82 19.40
N CYS A 233 12.26 7.04 18.89
CA CYS A 233 11.07 6.63 19.61
C CYS A 233 10.52 5.30 19.14
N TYR A 234 10.78 4.92 17.90
CA TYR A 234 10.19 3.69 17.36
C TYR A 234 11.07 2.45 17.55
N THR A 235 12.12 2.52 18.40
CA THR A 235 12.89 1.33 18.68
C THR A 235 12.35 0.46 19.82
N GLY A 236 11.24 0.90 20.42
CA GLY A 236 10.64 0.20 21.54
C GLY A 236 10.17 -1.19 21.20
N ASP A 237 10.18 -2.09 22.18
CA ASP A 237 9.80 -3.49 21.95
C ASP A 237 8.31 -3.64 21.64
N THR A 238 7.47 -2.80 22.23
CA THR A 238 6.02 -2.91 22.05
C THR A 238 5.45 -1.59 21.59
N VAL A 239 4.22 -1.63 21.07
CA VAL A 239 3.56 -0.41 20.63
C VAL A 239 3.41 0.54 21.84
N ALA A 240 3.08 -0.01 23.01
CA ALA A 240 2.94 0.82 24.19
C ALA A 240 4.30 1.50 24.52
N ASP A 241 5.40 0.79 24.37
CA ASP A 241 6.74 1.39 24.56
C ASP A 241 6.97 2.58 23.61
N ILE A 242 6.55 2.41 22.37
CA ILE A 242 6.70 3.43 21.34
C ILE A 242 5.89 4.69 21.66
N ILE A 243 4.62 4.49 22.01
CA ILE A 243 3.77 5.60 22.40
C ILE A 243 4.38 6.34 23.59
N ALA A 244 4.83 5.61 24.61
CA ALA A 244 5.48 6.24 25.80
C ALA A 244 6.69 7.08 25.41
N ALA A 245 7.50 6.58 24.49
CA ALA A 245 8.68 7.31 24.08
C ALA A 245 8.30 8.57 23.30
N LEU A 246 7.32 8.44 22.38
CA LEU A 246 6.87 9.61 21.63
C LEU A 246 6.35 10.68 22.62
N ARG A 247 5.63 10.26 23.65
CA ARG A 247 5.11 11.25 24.60
C ARG A 247 6.24 11.84 25.42
N ALA A 248 7.17 11.00 25.83
CA ALA A 248 8.27 11.49 26.64
C ALA A 248 9.17 12.47 25.89
N HIS A 249 9.34 12.33 24.57
CA HIS A 249 10.16 13.23 23.76
C HIS A 249 9.68 14.65 23.83
N ASP A 250 8.38 14.82 24.10
CA ASP A 250 7.83 16.12 24.56
C ASP A 250 8.01 17.19 23.49
N ALA A 251 7.57 16.88 22.27
CA ALA A 251 7.65 17.84 21.16
C ALA A 251 6.43 17.62 20.28
N PRO A 252 6.02 18.66 19.56
CA PRO A 252 4.73 18.57 18.88
C PRO A 252 4.58 17.43 17.85
N ALA A 253 5.56 17.22 16.97
CA ALA A 253 5.38 16.21 15.93
C ALA A 253 5.28 14.79 16.50
N ALA A 254 6.14 14.48 17.46
CA ALA A 254 6.05 13.21 18.20
C ALA A 254 4.71 13.06 18.94
N GLY A 255 4.24 14.13 19.59
CA GLY A 255 2.95 14.08 20.31
C GLY A 255 1.81 13.80 19.38
N GLU A 256 1.84 14.43 18.22
CA GLU A 256 0.87 14.23 17.17
C GLU A 256 0.85 12.79 16.69
N ALA A 257 2.04 12.21 16.53
CA ALA A 257 2.15 10.80 16.17
C ALA A 257 1.53 9.92 17.22
N ALA A 258 1.88 10.15 18.48
CA ALA A 258 1.29 9.40 19.59
C ALA A 258 -0.21 9.50 19.63
N ASP A 259 -0.73 10.70 19.48
CA ASP A 259 -2.19 10.89 19.48
C ASP A 259 -2.85 10.10 18.39
N LEU A 260 -2.23 10.05 17.21
CA LEU A 260 -2.83 9.36 16.05
C LEU A 260 -2.80 7.84 16.26
N ILE A 261 -1.68 7.33 16.74
CA ILE A 261 -1.54 5.91 17.03
C ILE A 261 -2.58 5.46 18.04
N ALA A 262 -2.83 6.31 19.03
CA ALA A 262 -3.68 5.97 20.11
C ALA A 262 -5.12 5.86 19.66
N THR A 263 -5.47 6.35 18.47
CA THR A 263 -6.81 6.12 17.91
C THR A 263 -6.97 4.80 17.14
N ARG A 264 -5.89 4.08 16.93
CA ARG A 264 -5.90 2.93 16.03
C ARG A 264 -6.20 1.67 16.80
N SER A 265 -6.60 0.63 16.06
CA SER A 265 -6.93 -0.64 16.68
C SER A 265 -5.75 -1.21 17.45
N PRO A 266 -5.89 -1.49 18.77
CA PRO A 266 -4.76 -2.11 19.50
C PRO A 266 -4.22 -3.41 18.92
N ILE A 267 -5.11 -4.33 18.55
CA ILE A 267 -4.64 -5.59 17.99
C ILE A 267 -4.01 -5.37 16.61
N ALA A 268 -4.60 -4.51 15.79
CA ALA A 268 -4.01 -4.24 14.46
C ALA A 268 -2.61 -3.58 14.57
N LEU A 269 -2.48 -2.64 15.49
CA LEU A 269 -1.19 -1.98 15.75
C LEU A 269 -0.15 -3.03 16.13
N SER A 270 -0.54 -3.93 17.03
CA SER A 270 0.38 -4.95 17.56
C SER A 270 0.81 -5.91 16.48
N VAL A 271 -0.14 -6.31 15.65
CA VAL A 271 0.16 -7.26 14.59
C VAL A 271 1.01 -6.55 13.51
N THR A 272 0.72 -5.27 13.26
CA THR A 272 1.49 -4.47 12.32
C THR A 272 2.96 -4.35 12.73
N LEU A 273 3.19 -4.04 14.00
CA LEU A 273 4.56 -3.98 14.49
C LEU A 273 5.29 -5.32 14.29
N GLU A 274 4.62 -6.40 14.62
CA GLU A 274 5.23 -7.73 14.48
C GLU A 274 5.43 -8.08 12.99
N SER A 275 4.47 -7.69 12.15
CA SER A 275 4.58 -7.99 10.71
C SER A 275 5.78 -7.31 10.08
N VAL A 276 5.99 -6.03 10.41
CA VAL A 276 7.07 -5.29 9.80
C VAL A 276 8.40 -5.86 10.28
N ARG A 277 8.48 -6.17 11.57
CA ARG A 277 9.70 -6.77 12.10
C ARG A 277 10.02 -8.12 11.49
N ARG A 278 9.00 -8.97 11.31
CA ARG A 278 9.22 -10.27 10.64
C ARG A 278 9.57 -10.10 9.16
N ALA A 279 8.91 -9.18 8.45
CA ALA A 279 9.16 -8.90 7.05
C ALA A 279 10.60 -8.44 6.80
N ALA A 280 11.15 -7.74 7.76
CA ALA A 280 12.53 -7.27 7.62
C ALA A 280 13.50 -8.43 7.50
N LYS A 281 13.10 -9.63 7.92
CA LYS A 281 13.97 -10.83 7.82
C LYS A 281 13.72 -11.70 6.59
N LEU A 282 12.77 -11.28 5.75
CA LEU A 282 12.44 -12.00 4.54
C LEU A 282 12.96 -11.29 3.31
N GLN A 283 13.77 -11.99 2.51
CA GLN A 283 14.31 -11.47 1.28
C GLN A 283 13.31 -11.38 0.14
N SER A 284 12.31 -12.27 0.09
CA SER A 284 11.47 -12.50 -1.07
C SER A 284 10.14 -11.72 -0.97
N LEU A 285 9.74 -11.04 -2.04
CA LEU A 285 8.40 -10.44 -2.07
C LEU A 285 7.33 -11.52 -1.91
N GLU A 286 7.50 -12.65 -2.61
CA GLU A 286 6.52 -13.74 -2.46
C GLU A 286 6.40 -14.27 -1.03
N ASP A 287 7.51 -14.51 -0.36
CA ASP A 287 7.47 -14.96 1.02
C ASP A 287 6.80 -13.96 1.95
N THR A 288 7.02 -12.68 1.68
CA THR A 288 6.39 -11.64 2.46
C THR A 288 4.88 -11.64 2.25
N LEU A 289 4.48 -11.72 1.01
CA LEU A 289 3.03 -11.78 0.69
C LEU A 289 2.40 -13.02 1.32
N ARG A 290 3.13 -14.13 1.42
CA ARG A 290 2.56 -15.32 2.07
C ARG A 290 2.22 -15.06 3.53
N GLN A 291 3.09 -14.30 4.21
CA GLN A 291 2.87 -13.91 5.59
C GLN A 291 1.68 -12.97 5.66
N GLU A 292 1.66 -11.98 4.78
CA GLU A 292 0.57 -11.02 4.76
C GLU A 292 -0.77 -11.73 4.54
N TYR A 293 -0.77 -12.77 3.73
CA TYR A 293 -2.02 -13.47 3.43
C TYR A 293 -2.54 -14.18 4.70
N ARG A 294 -1.66 -14.82 5.46
CA ARG A 294 -2.05 -15.42 6.75
C ARG A 294 -2.67 -14.35 7.65
N VAL A 295 -2.02 -13.19 7.72
CA VAL A 295 -2.49 -12.10 8.58
C VAL A 295 -3.86 -11.59 8.13
N SER A 296 -4.02 -11.37 6.82
CA SER A 296 -5.31 -10.90 6.29
C SER A 296 -6.43 -11.91 6.56
N CYS A 297 -6.15 -13.18 6.30
CA CYS A 297 -7.10 -14.26 6.56
C CYS A 297 -7.52 -14.28 8.03
N ALA A 298 -6.53 -14.15 8.93
CA ALA A 298 -6.83 -14.10 10.36
C ALA A 298 -7.71 -12.90 10.71
N SER A 299 -7.42 -11.75 10.11
CA SER A 299 -8.18 -10.53 10.37
C SER A 299 -9.67 -10.70 10.01
N LEU A 300 -9.98 -11.55 9.04
CA LEU A 300 -11.39 -11.77 8.71
C LEU A 300 -12.23 -12.30 9.87
N LYS A 301 -11.60 -13.02 10.79
CA LYS A 301 -12.26 -13.59 11.97
C LYS A 301 -12.32 -12.60 13.15
N SER A 302 -11.70 -11.42 12.98
CA SER A 302 -11.61 -10.45 14.08
C SER A 302 -12.82 -9.53 14.24
N HIS A 303 -13.05 -9.12 15.49
CA HIS A 303 -13.99 -8.06 15.80
C HIS A 303 -13.55 -6.75 15.13
N ASP A 304 -12.27 -6.41 15.21
CA ASP A 304 -11.88 -5.07 14.82
C ASP A 304 -11.95 -4.79 13.33
N LEU A 305 -11.74 -5.78 12.47
CA LEU A 305 -11.86 -5.54 11.05
C LEU A 305 -13.28 -5.06 10.69
N VAL A 306 -14.29 -5.76 11.21
CA VAL A 306 -15.69 -5.39 10.93
C VAL A 306 -16.04 -4.03 11.54
N GLU A 307 -15.67 -3.85 12.81
CA GLU A 307 -15.93 -2.63 13.54
C GLU A 307 -15.23 -1.47 12.86
N GLY A 308 -13.95 -1.68 12.49
CA GLY A 308 -13.16 -0.63 11.83
C GLY A 308 -13.75 -0.17 10.52
N ILE A 309 -14.11 -1.10 9.66
CA ILE A 309 -14.67 -0.72 8.40
C ILE A 309 -16.07 -0.13 8.61
N ARG A 310 -16.86 -0.70 9.50
CA ARG A 310 -18.20 -0.15 9.83
CA ARG A 310 -18.19 -0.14 9.73
C ARG A 310 -18.11 1.32 10.20
N ALA A 311 -17.19 1.65 11.09
CA ALA A 311 -17.06 3.01 11.56
C ALA A 311 -16.70 3.96 10.42
N GLN A 312 -15.84 3.52 9.50
CA GLN A 312 -15.46 4.32 8.32
C GLN A 312 -16.69 4.62 7.48
N LEU A 313 -17.51 3.60 7.25
CA LEU A 313 -18.70 3.75 6.40
C LEU A 313 -19.82 4.55 7.06
N VAL A 314 -20.05 4.31 8.35
CA VAL A 314 -21.19 4.87 9.08
C VAL A 314 -20.71 5.81 10.17
N ASN A 319 -15.50 6.71 14.91
CA ASN A 319 -15.46 6.39 16.33
C ASN A 319 -15.61 4.88 16.58
N PRO A 320 -14.68 4.06 16.04
CA PRO A 320 -14.75 2.62 16.29
C PRO A 320 -14.50 2.26 17.75
N LYS A 321 -15.21 1.24 18.25
CA LYS A 321 -15.05 0.73 19.59
C LYS A 321 -14.26 -0.56 19.50
N TRP A 322 -12.95 -0.42 19.71
CA TRP A 322 -12.07 -1.53 19.47
C TRP A 322 -12.15 -2.52 20.61
N ARG A 323 -11.92 -3.79 20.28
CA ARG A 323 -11.94 -4.88 21.24
C ARG A 323 -10.84 -5.87 20.84
N PRO A 324 -9.77 -6.03 21.65
CA PRO A 324 -9.51 -5.36 22.93
C PRO A 324 -9.36 -3.85 22.82
N ALA A 325 -9.80 -3.16 23.87
CA ALA A 325 -9.89 -1.71 23.82
C ALA A 325 -8.55 -1.06 24.13
N THR A 326 -7.63 -1.79 24.76
CA THR A 326 -6.34 -1.22 25.14
C THR A 326 -5.22 -2.16 24.75
N LEU A 327 -4.04 -1.60 24.50
CA LEU A 327 -2.85 -2.40 24.23
C LEU A 327 -2.48 -3.35 25.36
N ALA A 328 -2.74 -2.95 26.60
CA ALA A 328 -2.42 -3.78 27.75
C ALA A 328 -3.17 -5.11 27.74
N GLU A 329 -4.33 -5.15 27.08
CA GLU A 329 -5.16 -6.37 26.94
C GLU A 329 -4.74 -7.27 25.77
N VAL A 330 -3.80 -6.84 24.95
CA VAL A 330 -3.29 -7.66 23.85
C VAL A 330 -2.21 -8.60 24.37
N THR A 331 -2.41 -9.91 24.25
CA THR A 331 -1.42 -10.89 24.70
C THR A 331 -0.53 -11.29 23.53
N GLU A 332 0.55 -11.97 23.85
CA GLU A 332 1.46 -12.44 22.81
C GLU A 332 0.76 -13.47 21.96
N ALA A 333 -0.09 -14.30 22.56
CA ALA A 333 -0.86 -15.31 21.80
C ALA A 333 -1.85 -14.68 20.86
N ASP A 334 -2.47 -13.57 21.29
CA ASP A 334 -3.40 -12.83 20.43
C ASP A 334 -2.70 -12.42 19.12
N VAL A 335 -1.48 -11.88 19.25
CA VAL A 335 -0.69 -11.47 18.07
C VAL A 335 -0.27 -12.69 17.26
N GLU A 336 0.24 -13.70 17.95
CA GLU A 336 0.70 -14.90 17.27
C GLU A 336 -0.39 -15.58 16.45
N ALA A 337 -1.63 -15.46 16.90
CA ALA A 337 -2.77 -16.06 16.17
C ALA A 337 -2.90 -15.55 14.73
N TYR A 338 -2.46 -14.33 14.45
CA TYR A 338 -2.57 -13.79 13.10
C TYR A 338 -1.59 -14.40 12.12
N PHE A 339 -0.58 -15.10 12.63
CA PHE A 339 0.47 -15.67 11.81
C PHE A 339 0.32 -17.17 11.63
N ALA A 340 -0.84 -17.70 12.03
CA ALA A 340 -1.10 -19.13 11.88
C ALA A 340 -1.16 -19.54 10.41
N PRO A 341 -0.67 -20.77 10.15
CA PRO A 341 -0.85 -21.37 8.82
C PRO A 341 -2.28 -21.40 8.38
N VAL A 342 -2.48 -21.30 7.07
CA VAL A 342 -3.80 -21.42 6.49
C VAL A 342 -3.72 -22.44 5.34
N ASP A 343 -4.87 -22.89 4.86
CA ASP A 343 -4.91 -23.96 3.88
C ASP A 343 -6.02 -23.64 2.88
N PRO A 344 -5.66 -23.29 1.63
CA PRO A 344 -4.31 -23.33 1.09
C PRO A 344 -3.55 -22.08 1.48
N GLU A 345 -2.24 -22.22 1.57
CA GLU A 345 -1.37 -21.07 1.66
C GLU A 345 -1.38 -20.34 0.31
N LEU A 346 -0.93 -19.08 0.32
CA LEU A 346 -0.82 -18.31 -0.92
C LEU A 346 0.31 -18.97 -1.74
N THR A 347 0.02 -19.26 -3.01
CA THR A 347 1.02 -19.81 -3.94
C THR A 347 1.05 -18.99 -5.23
N PHE A 348 2.18 -19.10 -5.96
CA PHE A 348 2.46 -18.21 -7.10
C PHE A 348 2.70 -18.93 -8.40
N GLU A 349 2.28 -20.16 -8.48
CA GLU A 349 2.57 -20.94 -9.67
C GLU A 349 1.46 -20.67 -10.72
N GLY A 350 1.72 -21.00 -11.98
CA GLY A 350 0.86 -20.60 -13.12
C GLY A 350 1.42 -19.48 -14.02
N GLU A 351 2.72 -19.21 -13.89
CA GLU A 351 3.36 -18.14 -14.61
C GLU A 351 3.25 -18.30 -16.15
#